data_3T12
#
_entry.id   3T12
#
_cell.length_a   106.500
_cell.length_b   174.200
_cell.length_c   69.200
_cell.angle_alpha   90.00
_cell.angle_beta   90.00
_cell.angle_gamma   90.00
#
_symmetry.space_group_name_H-M   'C 2 2 21'
#
loop_
_entity.id
_entity.type
_entity.pdbx_description
1 polymer 'Gliding protein mglA'
2 polymer 'Gliding protein MglB'
3 non-polymer "GUANOSINE-5'-DIPHOSPHATE"
4 non-polymer 'MAGNESIUM ION'
5 non-polymer 'TETRAFLUOROALUMINATE ION'
6 water water
#
loop_
_entity_poly.entity_id
_entity_poly.type
_entity_poly.pdbx_seq_one_letter_code
_entity_poly.pdbx_strand_id
1 'polypeptide(L)'
;GSMSTINFANREINFKIVYYGPGLSGKTTNLKWIYSKVPEGRKGEMVSLATEDERTLFFDFLPLDIGEVKGFKTRFHLYT
VPGQVFYNASRKLILRGVDGIVFVADSAPNRLRANAESMRNMRENLAEYGLTLDDVPIVIQVNKRDLPDALPVEMVRAVV
DPEGKFPVLEAVATEGKGVFETLKEVSRLVLARVAGGS
;
A
2 'polypeptide(L)'
;GSLVLYGAPYAAAVEVLEETLRETGARYALLIDRKGFVLAHKEALWAPKPPPLDTLATLVASNAAATQALAKLLGEARFQ
EEVHQGERMGLYVDEAGEHALLVLVFDETAPLGKVKLHGKAAAAALAAIAEEALAN
;
B,C
#
loop_
_chem_comp.id
_chem_comp.type
_chem_comp.name
_chem_comp.formula
ALF non-polymer 'TETRAFLUOROALUMINATE ION' 'Al F4 -1'
GDP RNA linking GUANOSINE-5'-DIPHOSPHATE 'C10 H15 N5 O11 P2'
MG non-polymer 'MAGNESIUM ION' 'Mg 2'
#
# COMPACT_ATOMS: atom_id res chain seq x y z
N ILE A 13 -14.46 14.52 10.10
CA ILE A 13 -15.12 13.28 9.50
C ILE A 13 -14.58 12.80 8.12
N ASN A 14 -14.02 11.59 8.14
CA ASN A 14 -13.20 11.08 7.01
C ASN A 14 -13.86 9.96 6.22
N PHE A 15 -13.98 10.16 4.92
CA PHE A 15 -14.45 9.14 4.02
C PHE A 15 -13.40 8.71 3.00
N LYS A 16 -13.34 7.39 2.77
CA LYS A 16 -12.54 6.78 1.71
C LYS A 16 -13.36 6.29 0.47
N ILE A 17 -12.97 6.72 -0.74
CA ILE A 17 -13.63 6.37 -1.99
C ILE A 17 -12.60 5.62 -2.80
N VAL A 18 -12.93 4.40 -3.35
CA VAL A 18 -11.99 3.66 -4.17
C VAL A 18 -12.52 3.56 -5.57
N TYR A 19 -11.77 4.01 -6.56
CA TYR A 19 -11.98 3.79 -7.91
C TYR A 19 -11.43 2.36 -8.29
N TYR A 20 -12.36 1.48 -8.72
CA TYR A 20 -12.07 0.05 -8.98
C TYR A 20 -12.35 -0.14 -10.46
N GLY A 21 -11.84 -1.24 -11.01
CA GLY A 21 -12.11 -1.57 -12.38
C GLY A 21 -10.95 -2.29 -13.07
N PRO A 22 -11.17 -2.76 -14.30
CA PRO A 22 -10.14 -3.56 -14.99
C PRO A 22 -8.97 -2.67 -15.41
N GLY A 23 -7.86 -3.29 -15.81
CA GLY A 23 -6.62 -2.62 -16.25
C GLY A 23 -6.95 -1.62 -17.31
N LEU A 24 -6.38 -0.40 -17.15
CA LEU A 24 -6.48 0.60 -18.20
C LEU A 24 -7.89 1.21 -18.40
N SER A 25 -8.82 0.93 -17.50
CA SER A 25 -10.20 1.43 -17.68
C SER A 25 -10.33 2.98 -17.56
N GLY A 26 -9.43 3.63 -16.79
CA GLY A 26 -9.33 5.05 -16.72
C GLY A 26 -9.45 5.57 -15.29
N LYS A 27 -9.13 4.72 -14.34
CA LYS A 27 -9.25 5.06 -12.95
C LYS A 27 -8.31 6.22 -12.60
N THR A 28 -7.02 6.08 -12.87
CA THR A 28 -6.10 7.17 -12.59
C THR A 28 -6.50 8.44 -13.38
N THR A 29 -6.84 8.33 -14.64
CA THR A 29 -7.31 9.48 -15.41
C THR A 29 -8.43 10.24 -14.68
N ASN A 30 -9.35 9.53 -14.03
CA ASN A 30 -10.33 10.21 -13.22
C ASN A 30 -9.73 11.16 -12.15
N LEU A 31 -8.81 10.65 -11.32
CA LEU A 31 -8.28 11.44 -10.17
C LEU A 31 -7.46 12.59 -10.72
N LYS A 32 -6.77 12.38 -11.81
CA LYS A 32 -5.97 13.44 -12.46
C LYS A 32 -6.78 14.55 -13.05
N TRP A 33 -7.96 14.24 -13.58
CA TRP A 33 -8.79 15.33 -14.10
C TRP A 33 -9.33 16.11 -12.88
N ILE A 34 -9.74 15.37 -11.86
CA ILE A 34 -10.29 15.98 -10.71
C ILE A 34 -9.24 16.90 -10.05
N TYR A 35 -8.02 16.37 -9.91
CA TYR A 35 -6.94 17.11 -9.32
C TYR A 35 -6.65 18.41 -10.09
N SER A 36 -6.69 18.37 -11.41
CA SER A 36 -6.39 19.50 -12.24
C SER A 36 -7.44 20.63 -12.15
N LYS A 37 -8.68 20.32 -11.78
CA LYS A 37 -9.79 21.28 -11.68
C LYS A 37 -10.20 21.73 -10.27
N VAL A 38 -9.87 20.97 -9.23
CA VAL A 38 -10.17 21.41 -7.91
C VAL A 38 -9.17 22.57 -7.52
N PRO A 39 -9.71 23.64 -6.92
CA PRO A 39 -8.79 24.73 -6.63
C PRO A 39 -7.84 24.41 -5.49
N GLU A 40 -6.63 25.00 -5.59
CA GLU A 40 -5.72 25.05 -4.43
C GLU A 40 -6.54 25.62 -3.27
N GLY A 41 -6.58 24.90 -2.17
CA GLY A 41 -7.26 25.29 -0.98
C GLY A 41 -8.17 24.13 -0.67
N ARG A 42 -8.54 23.38 -1.69
CA ARG A 42 -9.60 22.39 -1.46
C ARG A 42 -9.13 20.95 -1.76
N LYS A 43 -7.80 20.85 -2.00
CA LYS A 43 -7.17 19.56 -2.26
C LYS A 43 -5.78 19.46 -1.57
N GLY A 44 -5.31 18.23 -1.34
CA GLY A 44 -3.91 18.00 -0.97
C GLY A 44 -3.22 17.55 -2.25
N GLU A 45 -2.00 17.05 -2.08
CA GLU A 45 -1.17 16.56 -3.16
C GLU A 45 -1.59 15.16 -3.69
N MET A 46 -1.55 14.97 -4.98
CA MET A 46 -1.80 13.62 -5.51
C MET A 46 -0.51 12.76 -5.36
N VAL A 47 -0.68 11.56 -4.77
CA VAL A 47 0.35 10.50 -4.74
C VAL A 47 -0.05 9.33 -5.71
N SER A 48 0.95 8.87 -6.47
CA SER A 48 0.80 7.79 -7.41
C SER A 48 1.99 6.85 -7.28
N LEU A 49 1.74 5.56 -7.02
CA LEU A 49 2.80 4.52 -7.08
C LEU A 49 2.56 3.74 -8.36
N ALA A 50 3.31 4.13 -9.36
CA ALA A 50 3.13 3.74 -10.72
C ALA A 50 4.45 3.28 -11.34
N THR A 51 4.39 2.37 -12.32
CA THR A 51 5.58 1.97 -13.10
C THR A 51 5.88 3.07 -14.11
N GLU A 52 7.01 2.98 -14.82
CA GLU A 52 7.41 4.06 -15.75
C GLU A 52 6.42 4.30 -16.92
N ASP A 53 5.76 3.25 -17.39
CA ASP A 53 4.69 3.38 -18.39
C ASP A 53 3.42 4.04 -17.76
N GLU A 54 3.57 4.45 -16.48
CA GLU A 54 2.60 5.11 -15.65
C GLU A 54 1.28 4.35 -15.39
N ARG A 55 1.35 3.02 -15.50
CA ARG A 55 0.32 2.16 -14.99
C ARG A 55 0.47 2.11 -13.51
N THR A 56 -0.67 2.09 -12.80
CA THR A 56 -0.64 2.16 -11.38
C THR A 56 -0.18 0.79 -10.82
N LEU A 57 0.72 0.79 -9.83
CA LEU A 57 1.33 -0.43 -9.25
C LEU A 57 0.78 -0.75 -7.88
N PHE A 58 0.58 0.29 -7.08
CA PHE A 58 0.05 0.00 -5.78
C PHE A 58 -1.28 0.84 -5.61
N PHE A 59 -1.17 2.16 -5.65
CA PHE A 59 -2.36 3.04 -5.61
C PHE A 59 -2.07 4.43 -6.12
N ASP A 60 -3.17 5.15 -6.47
CA ASP A 60 -3.17 6.61 -6.39
C ASP A 60 -3.93 7.07 -5.16
N PHE A 61 -3.66 8.31 -4.70
CA PHE A 61 -4.29 8.88 -3.51
C PHE A 61 -4.45 10.39 -3.75
N LEU A 62 -5.62 10.90 -3.37
CA LEU A 62 -6.01 12.30 -3.63
C LEU A 62 -6.97 12.71 -2.52
N PRO A 63 -6.48 13.52 -1.56
CA PRO A 63 -7.30 13.99 -0.47
C PRO A 63 -8.00 15.32 -0.92
N LEU A 64 -9.29 15.50 -0.67
CA LEU A 64 -9.94 16.74 -1.00
CA LEU A 64 -10.06 16.67 -1.08
C LEU A 64 -11.08 17.13 -0.06
N ASP A 65 -11.42 18.42 -0.07
CA ASP A 65 -12.60 18.92 0.66
C ASP A 65 -13.89 18.79 -0.16
N ILE A 66 -14.86 17.99 0.30
CA ILE A 66 -16.30 18.24 -0.06
C ILE A 66 -17.31 17.68 0.95
N LYS A 73 -15.76 19.20 10.21
CA LYS A 73 -15.39 19.20 8.80
C LYS A 73 -15.36 17.77 8.15
N THR A 74 -15.54 17.73 6.82
CA THR A 74 -15.49 16.43 6.11
C THR A 74 -14.42 16.31 5.01
N ARG A 75 -13.63 15.24 5.11
CA ARG A 75 -12.57 15.01 4.12
C ARG A 75 -12.76 13.71 3.32
N PHE A 76 -12.67 13.81 2.00
CA PHE A 76 -12.75 12.63 1.10
C PHE A 76 -11.34 12.20 0.61
N HIS A 77 -10.96 10.96 0.90
CA HIS A 77 -9.69 10.43 0.41
C HIS A 77 -9.98 9.53 -0.79
N LEU A 78 -9.66 10.01 -1.97
CA LEU A 78 -9.85 9.23 -3.17
C LEU A 78 -8.61 8.32 -3.44
N TYR A 79 -8.86 7.02 -3.68
CA TYR A 79 -7.84 6.02 -4.10
C TYR A 79 -8.20 5.40 -5.42
N THR A 80 -7.19 5.02 -6.21
CA THR A 80 -7.41 3.98 -7.22
C THR A 80 -6.57 2.73 -6.90
N VAL A 81 -6.92 1.64 -7.58
CA VAL A 81 -6.40 0.32 -7.30
C VAL A 81 -5.67 0.01 -8.64
N PRO A 82 -4.60 -0.84 -8.63
CA PRO A 82 -4.11 -1.33 -9.93
C PRO A 82 -5.12 -2.35 -10.52
N GLY A 83 -5.38 -2.30 -11.81
CA GLY A 83 -6.42 -3.14 -12.43
C GLY A 83 -5.99 -4.54 -12.97
N GLN A 84 -4.69 -4.77 -13.16
CA GLN A 84 -4.17 -6.07 -13.64
C GLN A 84 -4.65 -7.20 -12.78
N VAL A 85 -5.03 -8.30 -13.44
CA VAL A 85 -5.57 -9.43 -12.77
C VAL A 85 -4.53 -9.99 -11.77
N PHE A 86 -3.26 -9.95 -12.10
CA PHE A 86 -2.23 -10.58 -11.25
C PHE A 86 -1.81 -9.69 -10.06
N TYR A 87 -2.42 -8.50 -9.92
CA TYR A 87 -2.21 -7.64 -8.74
C TYR A 87 -3.34 -7.62 -7.76
N ASN A 88 -4.06 -8.71 -7.60
CA ASN A 88 -5.07 -8.74 -6.66
C ASN A 88 -4.62 -8.53 -5.18
N ALA A 89 -3.42 -9.03 -4.83
CA ALA A 89 -2.96 -8.90 -3.44
C ALA A 89 -2.83 -7.40 -2.99
N SER A 90 -2.30 -6.53 -3.82
CA SER A 90 -2.26 -5.14 -3.41
C SER A 90 -3.64 -4.41 -3.60
N ARG A 91 -4.38 -4.79 -4.65
CA ARG A 91 -5.71 -4.26 -4.90
C ARG A 91 -6.63 -4.48 -3.71
N LYS A 92 -6.58 -5.64 -3.12
CA LYS A 92 -7.43 -5.81 -1.99
C LYS A 92 -7.02 -5.04 -0.73
N LEU A 93 -5.73 -4.69 -0.55
CA LEU A 93 -5.34 -3.84 0.62
C LEU A 93 -6.01 -2.52 0.50
N ILE A 94 -6.08 -1.99 -0.70
CA ILE A 94 -6.68 -0.71 -0.90
C ILE A 94 -8.18 -0.61 -0.59
N LEU A 95 -8.88 -1.73 -0.53
CA LEU A 95 -10.34 -1.75 -0.35
C LEU A 95 -10.69 -1.70 1.10
N ARG A 96 -9.73 -1.99 1.95
CA ARG A 96 -9.92 -1.85 3.39
C ARG A 96 -10.59 -0.57 3.72
N GLY A 97 -11.74 -0.68 4.40
CA GLY A 97 -12.36 0.43 5.02
C GLY A 97 -13.02 1.34 4.01
N VAL A 98 -13.12 0.89 2.76
CA VAL A 98 -13.78 1.71 1.73
C VAL A 98 -15.18 2.20 2.22
N ASP A 99 -15.54 3.43 1.90
CA ASP A 99 -16.90 3.92 2.19
C ASP A 99 -17.76 3.97 0.96
N GLY A 100 -17.15 4.21 -0.19
CA GLY A 100 -17.90 4.20 -1.39
C GLY A 100 -16.95 3.78 -2.53
N ILE A 101 -17.53 3.30 -3.64
CA ILE A 101 -16.76 2.76 -4.71
C ILE A 101 -17.23 3.37 -5.96
N VAL A 102 -16.33 3.79 -6.82
CA VAL A 102 -16.68 4.08 -8.18
C VAL A 102 -16.04 2.99 -9.05
N PHE A 103 -16.88 2.27 -9.81
CA PHE A 103 -16.40 1.20 -10.66
C PHE A 103 -16.26 1.74 -12.04
N VAL A 104 -15.03 1.88 -12.50
CA VAL A 104 -14.78 2.50 -13.81
C VAL A 104 -14.67 1.35 -14.82
N ALA A 105 -15.72 1.20 -15.66
CA ALA A 105 -15.87 0.17 -16.73
C ALA A 105 -15.41 0.69 -18.02
N ASP A 106 -14.68 -0.11 -18.80
CA ASP A 106 -14.18 0.35 -20.05
C ASP A 106 -15.24 0.09 -21.17
N SER A 107 -15.32 0.96 -22.22
CA SER A 107 -16.37 0.84 -23.24
C SER A 107 -15.96 0.00 -24.44
N ALA A 108 -14.66 -0.29 -24.51
CA ALA A 108 -14.08 -1.02 -25.61
C ALA A 108 -14.65 -2.43 -25.65
N PRO A 109 -15.02 -2.89 -26.85
CA PRO A 109 -15.65 -4.21 -27.11
C PRO A 109 -14.81 -5.37 -26.57
N ASN A 110 -13.53 -5.33 -26.82
CA ASN A 110 -12.58 -6.31 -26.34
C ASN A 110 -12.23 -6.17 -24.85
N ARG A 111 -13.00 -5.39 -24.05
CA ARG A 111 -12.64 -5.22 -22.65
C ARG A 111 -13.88 -5.48 -21.86
N LEU A 112 -14.90 -5.99 -22.53
CA LEU A 112 -16.12 -6.26 -21.80
C LEU A 112 -16.01 -7.35 -20.80
N ARG A 113 -15.33 -8.47 -21.13
CA ARG A 113 -15.18 -9.57 -20.20
C ARG A 113 -14.22 -9.17 -19.02
N ALA A 114 -13.18 -8.41 -19.32
CA ALA A 114 -12.35 -7.73 -18.30
C ALA A 114 -13.24 -6.98 -17.28
N ASN A 115 -14.23 -6.20 -17.78
CA ASN A 115 -15.24 -5.55 -16.90
C ASN A 115 -15.89 -6.51 -16.01
N ALA A 116 -16.47 -7.60 -16.58
CA ALA A 116 -17.12 -8.61 -15.74
C ALA A 116 -16.15 -9.24 -14.75
N GLU A 117 -14.91 -9.54 -15.16
CA GLU A 117 -13.94 -10.20 -14.27
CA GLU A 117 -14.05 -10.22 -14.19
C GLU A 117 -13.62 -9.29 -13.07
N SER A 118 -13.43 -8.01 -13.38
CA SER A 118 -13.18 -7.02 -12.31
C SER A 118 -14.32 -6.92 -11.29
N MET A 119 -15.58 -6.97 -11.79
CA MET A 119 -16.76 -6.84 -10.88
C MET A 119 -16.89 -8.08 -10.05
N ARG A 120 -16.66 -9.24 -10.68
CA ARG A 120 -16.61 -10.48 -9.93
C ARG A 120 -15.49 -10.45 -8.84
N ASN A 121 -14.32 -10.00 -9.25
CA ASN A 121 -13.17 -9.84 -8.32
C ASN A 121 -13.50 -8.85 -7.21
N MET A 122 -14.18 -7.75 -7.61
CA MET A 122 -14.60 -6.82 -6.57
C MET A 122 -15.50 -7.45 -5.49
N ARG A 123 -16.52 -8.20 -5.93
CA ARG A 123 -17.41 -8.82 -5.00
C ARG A 123 -16.67 -9.82 -4.09
N GLU A 124 -15.85 -10.71 -4.69
CA GLU A 124 -14.94 -11.59 -3.93
C GLU A 124 -14.07 -10.87 -2.87
N ASN A 125 -13.34 -9.82 -3.26
CA ASN A 125 -12.52 -9.07 -2.26
C ASN A 125 -13.44 -8.49 -1.18
N LEU A 126 -14.59 -7.96 -1.60
CA LEU A 126 -15.47 -7.39 -0.56
C LEU A 126 -15.94 -8.45 0.42
N ALA A 127 -16.23 -9.65 -0.08
CA ALA A 127 -16.67 -10.78 0.78
C ALA A 127 -15.61 -11.27 1.79
N GLU A 128 -14.35 -11.06 1.47
CA GLU A 128 -13.32 -11.28 2.48
C GLU A 128 -13.38 -10.34 3.68
N TYR A 129 -13.92 -9.13 3.50
CA TYR A 129 -14.08 -8.21 4.62
C TYR A 129 -15.47 -8.38 5.26
N GLY A 130 -16.23 -9.37 4.79
CA GLY A 130 -17.59 -9.61 5.31
C GLY A 130 -18.65 -8.68 4.70
N LEU A 131 -18.37 -8.16 3.52
CA LEU A 131 -19.27 -7.21 2.91
C LEU A 131 -19.85 -7.68 1.56
N THR A 132 -21.12 -7.35 1.31
CA THR A 132 -21.74 -7.66 0.07
C THR A 132 -21.79 -6.39 -0.72
N LEU A 133 -22.19 -6.44 -1.95
CA LEU A 133 -22.24 -5.27 -2.75
C LEU A 133 -23.36 -4.31 -2.33
N ASP A 134 -24.28 -4.79 -1.47
CA ASP A 134 -25.37 -3.97 -0.91
C ASP A 134 -24.78 -3.15 0.17
N ASP A 135 -23.70 -3.65 0.76
CA ASP A 135 -23.17 -3.01 1.95
C ASP A 135 -22.42 -1.71 1.69
N VAL A 136 -22.16 -1.37 0.44
CA VAL A 136 -21.23 -0.31 0.14
C VAL A 136 -21.74 0.44 -1.04
N PRO A 137 -21.86 1.75 -0.93
CA PRO A 137 -22.39 2.43 -2.10
C PRO A 137 -21.46 2.25 -3.27
N ILE A 138 -22.05 2.04 -4.44
CA ILE A 138 -21.33 1.80 -5.68
C ILE A 138 -22.00 2.52 -6.83
N VAL A 139 -21.17 3.14 -7.68
CA VAL A 139 -21.59 3.88 -8.86
C VAL A 139 -20.79 3.34 -10.02
N ILE A 140 -21.45 3.03 -11.13
CA ILE A 140 -20.79 2.51 -12.28
C ILE A 140 -20.53 3.63 -13.18
N GLN A 141 -19.29 3.81 -13.61
CA GLN A 141 -19.04 4.78 -14.60
C GLN A 141 -18.68 4.07 -15.87
N VAL A 142 -19.40 4.34 -16.96
CA VAL A 142 -19.05 3.74 -18.26
C VAL A 142 -18.20 4.67 -19.01
N ASN A 143 -16.90 4.36 -19.02
CA ASN A 143 -15.88 5.28 -19.44
C ASN A 143 -15.48 5.05 -20.87
N LYS A 144 -14.78 5.99 -21.44
CA LYS A 144 -14.31 5.94 -22.84
C LYS A 144 -15.49 5.97 -23.90
N ARG A 145 -16.47 6.83 -23.66
CA ARG A 145 -17.62 7.00 -24.59
C ARG A 145 -17.22 7.54 -25.93
N ASP A 146 -16.02 8.11 -26.00
CA ASP A 146 -15.47 8.65 -27.24
C ASP A 146 -14.90 7.63 -28.22
N LEU A 147 -14.74 6.38 -27.81
CA LEU A 147 -14.18 5.38 -28.74
C LEU A 147 -15.16 5.16 -29.88
N PRO A 148 -14.69 5.16 -31.12
CA PRO A 148 -15.60 5.00 -32.30
C PRO A 148 -16.44 3.73 -32.21
N ASP A 149 -15.80 2.62 -31.83
CA ASP A 149 -16.45 1.33 -31.65
C ASP A 149 -17.03 1.07 -30.26
N ALA A 150 -17.17 2.10 -29.43
CA ALA A 150 -17.68 1.91 -28.08
C ALA A 150 -18.98 1.08 -28.05
N LEU A 151 -19.17 0.26 -27.04
CA LEU A 151 -20.43 -0.49 -26.92
C LEU A 151 -21.61 0.27 -26.34
N PRO A 152 -22.84 -0.16 -26.63
CA PRO A 152 -23.88 0.57 -25.95
C PRO A 152 -23.68 0.61 -24.42
N VAL A 153 -24.11 1.71 -23.81
CA VAL A 153 -24.02 1.84 -22.39
C VAL A 153 -24.75 0.71 -21.73
N GLU A 154 -25.92 0.33 -22.25
CA GLU A 154 -26.73 -0.63 -21.50
C GLU A 154 -26.14 -2.03 -21.54
N MET A 155 -25.40 -2.32 -22.59
CA MET A 155 -24.78 -3.64 -22.72
C MET A 155 -23.64 -3.73 -21.66
N VAL A 156 -22.78 -2.69 -21.58
CA VAL A 156 -21.76 -2.63 -20.54
C VAL A 156 -22.45 -2.79 -19.19
N ARG A 157 -23.51 -2.00 -18.99
CA ARG A 157 -24.15 -2.03 -17.66
C ARG A 157 -24.74 -3.36 -17.32
N ALA A 158 -25.35 -4.01 -18.31
CA ALA A 158 -26.00 -5.31 -18.07
C ALA A 158 -24.94 -6.37 -17.70
N VAL A 159 -23.69 -6.23 -18.21
CA VAL A 159 -22.65 -7.13 -17.68
C VAL A 159 -22.13 -6.91 -16.25
N VAL A 160 -21.79 -5.66 -15.88
CA VAL A 160 -21.28 -5.36 -14.53
C VAL A 160 -22.37 -5.19 -13.47
N ASP A 161 -23.61 -4.90 -13.90
CA ASP A 161 -24.76 -4.67 -12.97
C ASP A 161 -26.09 -5.20 -13.63
N PRO A 162 -26.19 -6.54 -13.87
CA PRO A 162 -27.34 -7.24 -14.46
C PRO A 162 -28.72 -6.73 -13.92
N GLU A 163 -28.84 -6.60 -12.61
CA GLU A 163 -30.08 -6.14 -12.07
C GLU A 163 -30.27 -4.61 -12.11
N GLY A 164 -29.36 -3.84 -12.73
CA GLY A 164 -29.38 -2.34 -12.63
C GLY A 164 -29.55 -1.73 -11.22
N LYS A 165 -29.01 -2.36 -10.19
CA LYS A 165 -29.11 -1.86 -8.85
C LYS A 165 -28.29 -0.57 -8.56
N PHE A 166 -27.48 -0.10 -9.49
CA PHE A 166 -26.49 0.94 -9.14
C PHE A 166 -26.65 2.11 -10.06
N PRO A 167 -26.40 3.33 -9.54
CA PRO A 167 -26.44 4.41 -10.53
C PRO A 167 -25.43 4.13 -11.61
N VAL A 168 -25.69 4.64 -12.81
CA VAL A 168 -24.71 4.59 -13.86
C VAL A 168 -24.51 5.96 -14.45
N LEU A 169 -23.28 6.28 -14.88
CA LEU A 169 -23.00 7.57 -15.45
C LEU A 169 -22.06 7.37 -16.59
N GLU A 170 -22.16 8.12 -17.67
CA GLU A 170 -21.23 7.97 -18.80
C GLU A 170 -20.10 8.89 -18.65
N ALA A 171 -18.97 8.61 -19.30
CA ALA A 171 -17.75 9.40 -19.13
C ALA A 171 -16.77 9.32 -20.26
N VAL A 172 -16.00 10.40 -20.37
CA VAL A 172 -14.80 10.50 -21.22
C VAL A 172 -13.80 11.18 -20.27
N ALA A 173 -13.14 10.36 -19.45
CA ALA A 173 -12.30 10.93 -18.39
C ALA A 173 -11.15 11.73 -18.91
N THR A 174 -10.65 11.43 -20.11
CA THR A 174 -9.53 12.22 -20.63
C THR A 174 -9.91 13.71 -20.92
N GLU A 175 -11.22 13.97 -20.90
CA GLU A 175 -11.82 15.23 -21.32
C GLU A 175 -12.67 15.81 -20.18
N GLY A 176 -12.77 15.10 -19.07
CA GLY A 176 -13.56 15.57 -17.93
C GLY A 176 -15.02 15.18 -17.86
N LYS A 177 -15.53 14.58 -18.91
CA LYS A 177 -16.99 14.43 -19.05
C LYS A 177 -17.46 13.38 -18.14
N GLY A 178 -18.43 13.67 -17.28
CA GLY A 178 -18.86 12.69 -16.27
C GLY A 178 -18.06 12.53 -14.96
N VAL A 179 -16.88 13.15 -14.92
CA VAL A 179 -15.93 12.86 -13.85
C VAL A 179 -16.40 13.43 -12.56
N PHE A 180 -16.74 14.75 -12.55
CA PHE A 180 -17.23 15.33 -11.29
C PHE A 180 -18.62 14.83 -10.96
N GLU A 181 -19.45 14.64 -11.98
CA GLU A 181 -20.77 14.08 -11.67
C GLU A 181 -20.69 12.69 -11.09
N THR A 182 -19.77 11.85 -11.60
CA THR A 182 -19.58 10.56 -10.89
C THR A 182 -19.18 10.76 -9.44
N LEU A 183 -18.22 11.66 -9.22
CA LEU A 183 -17.75 11.88 -7.79
C LEU A 183 -18.88 12.42 -6.86
N LYS A 184 -19.66 13.36 -7.37
CA LYS A 184 -20.81 13.93 -6.53
C LYS A 184 -21.81 12.86 -6.25
N GLU A 185 -22.14 12.06 -7.29
CA GLU A 185 -23.06 10.89 -7.08
C GLU A 185 -22.63 9.95 -5.98
N VAL A 186 -21.36 9.48 -6.01
CA VAL A 186 -20.89 8.58 -4.94
C VAL A 186 -20.77 9.29 -3.61
N SER A 187 -20.36 10.55 -3.66
CA SER A 187 -20.32 11.38 -2.39
C SER A 187 -21.68 11.43 -1.77
N ARG A 188 -22.68 11.83 -2.59
CA ARG A 188 -24.11 11.85 -2.18
CA ARG A 188 -24.08 11.87 -2.11
C ARG A 188 -24.49 10.56 -1.44
N LEU A 189 -24.22 9.42 -2.08
CA LEU A 189 -24.60 8.12 -1.46
C LEU A 189 -23.87 7.83 -0.17
N VAL A 190 -22.57 8.18 -0.08
CA VAL A 190 -21.80 7.90 1.13
C VAL A 190 -22.34 8.71 2.30
N LEU A 191 -22.61 10.02 2.06
CA LEU A 191 -23.30 10.92 3.02
C LEU A 191 -24.70 10.43 3.46
N ALA A 192 -25.62 10.25 2.50
CA ALA A 192 -26.94 9.67 2.81
C ALA A 192 -26.84 8.38 3.60
N ARG A 193 -25.69 7.71 3.51
CA ARG A 193 -25.51 6.49 4.30
C ARG A 193 -25.29 6.78 5.78
N VAL A 194 -24.84 7.99 6.14
CA VAL A 194 -24.82 8.44 7.56
C VAL A 194 -25.96 9.46 7.86
N LEU B 3 13.78 -6.01 -17.50
CA LEU B 3 14.65 -7.17 -17.00
C LEU B 3 14.04 -8.57 -17.18
N VAL B 4 14.66 -9.40 -17.99
CA VAL B 4 14.21 -10.80 -18.21
C VAL B 4 15.45 -11.69 -18.14
N LEU B 5 15.45 -12.62 -17.21
CA LEU B 5 16.54 -13.53 -16.98
C LEU B 5 16.24 -14.84 -17.67
N TYR B 6 17.07 -15.22 -18.64
CA TYR B 6 16.97 -16.50 -19.32
C TYR B 6 18.37 -17.09 -19.52
N GLY B 7 18.47 -18.34 -19.97
CA GLY B 7 19.78 -18.91 -20.33
C GLY B 7 20.77 -18.78 -19.20
N ALA B 8 22.00 -18.40 -19.56
CA ALA B 8 23.12 -18.54 -18.62
C ALA B 8 22.98 -17.57 -17.43
N PRO B 9 22.47 -16.33 -17.68
CA PRO B 9 22.23 -15.49 -16.49
C PRO B 9 21.20 -16.14 -15.56
N TYR B 10 20.22 -16.79 -16.16
CA TYR B 10 19.20 -17.49 -15.30
C TYR B 10 19.87 -18.60 -14.55
N ALA B 11 20.63 -19.46 -15.26
CA ALA B 11 21.35 -20.51 -14.54
C ALA B 11 22.19 -19.88 -13.45
N ALA B 12 22.87 -18.80 -13.79
CA ALA B 12 23.74 -18.16 -12.74
C ALA B 12 22.90 -17.69 -11.56
N ALA B 13 21.77 -17.05 -11.86
CA ALA B 13 20.90 -16.64 -10.70
C ALA B 13 20.51 -17.76 -9.78
N VAL B 14 20.12 -18.90 -10.38
CA VAL B 14 19.59 -20.07 -9.60
C VAL B 14 20.63 -20.65 -8.65
N GLU B 15 21.88 -20.70 -9.11
CA GLU B 15 23.03 -21.16 -8.25
C GLU B 15 23.25 -20.22 -7.07
N VAL B 16 23.25 -18.91 -7.31
CA VAL B 16 23.34 -17.97 -6.19
C VAL B 16 22.19 -18.30 -5.27
N LEU B 17 20.97 -18.54 -5.80
CA LEU B 17 19.83 -18.82 -4.89
C LEU B 17 20.00 -20.13 -4.10
N GLU B 18 20.42 -21.21 -4.79
CA GLU B 18 20.68 -22.52 -4.10
C GLU B 18 21.70 -22.38 -2.98
N GLU B 19 22.83 -21.72 -3.29
CA GLU B 19 23.93 -21.54 -2.27
C GLU B 19 23.51 -20.75 -0.99
N THR B 20 22.77 -19.67 -1.21
CA THR B 20 22.21 -18.84 -0.12
C THR B 20 21.29 -19.65 0.70
N LEU B 21 20.46 -20.47 0.06
CA LEU B 21 19.61 -21.33 0.90
C LEU B 21 20.47 -22.29 1.72
N ARG B 22 21.50 -22.88 1.08
CA ARG B 22 22.38 -23.88 1.76
C ARG B 22 23.12 -23.21 2.94
N GLU B 23 23.78 -22.11 2.66
CA GLU B 23 24.53 -21.31 3.63
C GLU B 23 23.66 -20.64 4.73
N THR B 24 22.36 -20.41 4.48
CA THR B 24 21.53 -19.78 5.51
C THR B 24 20.61 -20.68 6.30
N GLY B 25 20.22 -21.84 5.76
CA GLY B 25 19.13 -22.58 6.39
C GLY B 25 17.71 -21.99 6.11
N ALA B 26 17.62 -20.98 5.24
CA ALA B 26 16.31 -20.37 4.85
C ALA B 26 15.39 -21.38 4.06
N ARG B 27 14.06 -21.19 4.03
CA ARG B 27 13.17 -22.06 3.25
C ARG B 27 13.14 -21.77 1.79
N TYR B 28 12.98 -20.51 1.40
CA TYR B 28 12.81 -20.19 0.00
C TYR B 28 13.54 -18.98 -0.29
N ALA B 29 13.97 -18.81 -1.53
CA ALA B 29 14.73 -17.66 -1.95
C ALA B 29 14.21 -17.27 -3.28
N LEU B 30 13.94 -15.96 -3.48
CA LEU B 30 13.45 -15.47 -4.78
C LEU B 30 14.19 -14.25 -5.25
N LEU B 31 14.35 -14.10 -6.55
CA LEU B 31 14.71 -12.82 -7.15
C LEU B 31 13.46 -12.35 -7.84
N ILE B 32 12.98 -11.16 -7.48
CA ILE B 32 11.74 -10.63 -8.14
C ILE B 32 12.05 -9.31 -8.76
N ASP B 33 11.32 -8.93 -9.83
CA ASP B 33 11.51 -7.58 -10.30
C ASP B 33 10.75 -6.52 -9.45
N ARG B 34 10.93 -5.22 -9.72
CA ARG B 34 10.26 -4.20 -8.91
C ARG B 34 8.74 -4.06 -9.24
N LYS B 35 8.28 -4.77 -10.29
CA LYS B 35 6.86 -4.95 -10.59
C LYS B 35 6.29 -6.15 -9.96
N GLY B 36 7.03 -6.85 -9.12
CA GLY B 36 6.45 -8.01 -8.39
C GLY B 36 6.37 -9.31 -9.19
N PHE B 37 7.07 -9.38 -10.32
CA PHE B 37 7.21 -10.66 -11.02
CA PHE B 37 7.25 -10.62 -11.11
C PHE B 37 8.44 -11.48 -10.58
N VAL B 38 8.23 -12.77 -10.38
CA VAL B 38 9.32 -13.66 -9.96
C VAL B 38 10.21 -13.97 -11.11
N LEU B 39 11.48 -13.62 -11.02
CA LEU B 39 12.39 -13.86 -12.11
C LEU B 39 13.09 -15.24 -11.92
N ALA B 40 13.27 -15.67 -10.67
CA ALA B 40 13.87 -16.96 -10.41
C ALA B 40 13.64 -17.27 -8.97
N HIS B 41 13.45 -18.53 -8.64
CA HIS B 41 13.33 -18.85 -7.25
C HIS B 41 13.75 -20.30 -6.93
N LYS B 42 14.00 -20.65 -5.64
CA LYS B 42 14.36 -21.99 -5.23
C LYS B 42 13.84 -22.24 -3.89
N GLU B 43 13.48 -23.52 -3.64
CA GLU B 43 12.94 -23.90 -2.35
C GLU B 43 13.92 -24.92 -1.82
N ALA B 44 14.04 -24.96 -0.50
CA ALA B 44 14.85 -25.97 0.17
C ALA B 44 14.10 -27.30 0.15
N LEU B 45 14.81 -28.38 -0.22
CA LEU B 45 14.16 -29.70 -0.36
C LEU B 45 13.42 -30.12 0.89
N TRP B 46 13.99 -29.80 2.06
CA TRP B 46 13.37 -30.19 3.32
C TRP B 46 12.11 -29.36 3.65
N ALA B 47 11.92 -28.19 3.02
CA ALA B 47 10.90 -27.25 3.51
C ALA B 47 9.47 -27.63 3.06
N PRO B 48 8.39 -27.18 3.80
CA PRO B 48 7.03 -27.39 3.25
C PRO B 48 6.85 -26.66 1.92
N LYS B 49 5.83 -27.09 1.20
CA LYS B 49 5.36 -26.34 0.05
C LYS B 49 5.21 -24.86 0.47
N PRO B 50 5.68 -23.94 -0.35
CA PRO B 50 5.62 -22.54 0.05
C PRO B 50 4.16 -21.96 0.03
N PRO B 51 3.94 -20.83 0.73
CA PRO B 51 2.77 -20.03 0.44
C PRO B 51 2.85 -19.53 -1.03
N PRO B 52 1.74 -19.04 -1.62
CA PRO B 52 1.81 -18.67 -3.06
C PRO B 52 2.83 -17.56 -3.26
N LEU B 53 3.75 -17.82 -4.17
CA LEU B 53 4.90 -16.99 -4.34
C LEU B 53 4.63 -15.81 -5.22
N ASP B 54 3.72 -15.92 -6.17
CA ASP B 54 3.29 -14.76 -6.91
C ASP B 54 2.65 -13.73 -5.97
N THR B 55 1.93 -14.16 -4.97
CA THR B 55 1.29 -13.26 -4.03
C THR B 55 2.34 -12.59 -3.12
N LEU B 56 3.26 -13.42 -2.67
CA LEU B 56 4.32 -12.99 -1.81
C LEU B 56 5.09 -11.90 -2.56
N ALA B 57 5.43 -12.15 -3.84
CA ALA B 57 6.18 -11.21 -4.66
C ALA B 57 5.43 -9.90 -4.98
N THR B 58 4.09 -9.92 -5.20
CA THR B 58 3.36 -8.64 -5.52
C THR B 58 3.30 -7.78 -4.25
N LEU B 59 3.16 -8.44 -3.11
CA LEU B 59 3.17 -7.74 -1.84
C LEU B 59 4.57 -7.11 -1.52
N VAL B 60 5.66 -7.86 -1.77
CA VAL B 60 6.99 -7.30 -1.51
C VAL B 60 7.24 -6.13 -2.44
N ALA B 61 6.89 -6.24 -3.73
CA ALA B 61 7.16 -5.13 -4.63
C ALA B 61 6.27 -3.86 -4.33
N SER B 62 5.02 -4.07 -3.91
CA SER B 62 4.12 -3.00 -3.45
C SER B 62 4.68 -2.28 -2.23
N ASN B 63 5.04 -3.06 -1.21
CA ASN B 63 5.78 -2.58 -0.07
C ASN B 63 7.01 -1.74 -0.42
N ALA B 64 7.85 -2.27 -1.29
CA ALA B 64 9.04 -1.57 -1.75
C ALA B 64 8.71 -0.25 -2.43
N ALA B 65 7.64 -0.18 -3.22
CA ALA B 65 7.35 1.06 -3.96
C ALA B 65 6.92 2.14 -2.92
N ALA B 66 6.17 1.69 -1.90
CA ALA B 66 5.68 2.52 -0.82
C ALA B 66 6.85 2.99 0.09
N THR B 67 7.72 2.07 0.52
CA THR B 67 8.90 2.40 1.33
C THR B 67 9.88 3.23 0.56
N GLN B 68 10.00 3.02 -0.75
CA GLN B 68 10.86 3.88 -1.57
CA GLN B 68 10.89 3.89 -1.52
C GLN B 68 10.29 5.28 -1.67
N ALA B 69 8.94 5.38 -1.71
CA ALA B 69 8.33 6.73 -1.80
C ALA B 69 8.52 7.43 -0.42
N LEU B 70 8.45 6.67 0.67
CA LEU B 70 8.69 7.25 1.98
C LEU B 70 10.12 7.81 2.10
N ALA B 71 11.09 7.08 1.57
CA ALA B 71 12.48 7.49 1.65
C ALA B 71 12.62 8.84 0.93
N LYS B 72 12.24 8.88 -0.35
CA LYS B 72 12.31 10.09 -1.16
C LYS B 72 11.52 11.24 -0.48
N LEU B 73 10.39 10.92 0.12
CA LEU B 73 9.64 11.97 0.79
C LEU B 73 10.51 12.68 1.88
N LEU B 74 11.31 11.89 2.57
CA LEU B 74 12.18 12.37 3.61
C LEU B 74 13.56 12.82 3.08
N GLY B 75 13.69 12.99 1.77
CA GLY B 75 14.98 13.37 1.21
C GLY B 75 16.07 12.27 1.19
N GLU B 76 15.68 11.00 1.41
CA GLU B 76 16.62 9.86 1.38
C GLU B 76 16.59 9.12 0.06
N ALA B 77 17.74 8.66 -0.37
CA ALA B 77 17.86 7.80 -1.56
C ALA B 77 17.07 6.47 -1.28
N ARG B 78 17.11 5.99 -0.02
CA ARG B 78 16.60 4.69 0.25
C ARG B 78 16.80 4.43 1.72
N PHE B 79 16.08 3.44 2.21
CA PHE B 79 16.33 2.91 3.54
C PHE B 79 17.22 1.64 3.48
N GLN B 80 17.45 0.96 4.59
CA GLN B 80 18.29 -0.24 4.61
C GLN B 80 17.47 -1.51 4.19
N GLU B 81 18.16 -2.63 4.09
CA GLU B 81 17.51 -3.91 3.89
C GLU B 81 16.53 -4.17 5.05
N GLU B 82 15.54 -5.01 4.80
CA GLU B 82 14.52 -5.28 5.83
C GLU B 82 14.57 -6.71 6.34
N VAL B 83 14.34 -6.84 7.61
CA VAL B 83 14.18 -8.10 8.24
C VAL B 83 12.83 -7.93 8.96
N HIS B 84 11.85 -8.73 8.59
CA HIS B 84 10.57 -8.76 9.23
C HIS B 84 10.58 -10.03 9.99
N GLN B 85 10.29 -9.99 11.29
CA GLN B 85 10.38 -11.16 12.15
CA GLN B 85 10.37 -11.15 12.15
C GLN B 85 9.06 -11.38 12.88
N GLY B 86 8.48 -12.58 12.74
CA GLY B 86 7.25 -12.98 13.45
C GLY B 86 7.76 -13.79 14.65
N GLU B 87 6.88 -14.57 15.29
CA GLU B 87 7.26 -15.58 16.29
C GLU B 87 8.22 -16.67 15.75
N ARG B 88 7.89 -17.27 14.63
CA ARG B 88 8.69 -18.32 14.00
C ARG B 88 9.17 -17.93 12.60
N MET B 89 8.29 -17.35 11.78
CA MET B 89 8.70 -17.03 10.39
C MET B 89 9.28 -15.62 10.18
N GLY B 90 10.12 -15.46 9.16
CA GLY B 90 10.66 -14.18 8.88
C GLY B 90 10.95 -14.01 7.41
N LEU B 91 11.26 -12.76 7.06
CA LEU B 91 11.47 -12.41 5.69
C LEU B 91 12.64 -11.48 5.66
N TYR B 92 13.53 -11.63 4.70
CA TYR B 92 14.64 -10.75 4.51
C TYR B 92 14.44 -10.16 3.13
N VAL B 93 14.53 -8.84 2.96
CA VAL B 93 14.37 -8.30 1.63
C VAL B 93 15.50 -7.29 1.38
N ASP B 94 16.11 -7.29 0.19
CA ASP B 94 17.18 -6.40 -0.05
C ASP B 94 17.21 -6.13 -1.49
N GLU B 95 17.73 -4.98 -1.88
CA GLU B 95 17.75 -4.68 -3.28
C GLU B 95 18.81 -5.48 -4.02
N ALA B 96 18.55 -5.86 -5.25
CA ALA B 96 19.57 -6.59 -6.02
C ALA B 96 19.70 -5.73 -7.22
N GLY B 97 20.33 -4.58 -7.03
CA GLY B 97 20.48 -3.63 -8.13
C GLY B 97 19.24 -2.78 -8.19
N GLU B 98 19.15 -1.94 -9.21
CA GLU B 98 18.11 -0.98 -9.18
C GLU B 98 16.77 -1.56 -9.58
N HIS B 99 16.81 -2.71 -10.25
CA HIS B 99 15.64 -3.30 -10.87
C HIS B 99 15.14 -4.58 -10.25
N ALA B 100 15.63 -4.98 -9.06
CA ALA B 100 15.26 -6.22 -8.49
C ALA B 100 15.49 -6.30 -7.01
N LEU B 101 14.81 -7.27 -6.39
CA LEU B 101 14.82 -7.44 -4.96
C LEU B 101 15.12 -8.91 -4.73
N LEU B 102 15.91 -9.20 -3.72
CA LEU B 102 16.08 -10.57 -3.28
C LEU B 102 15.25 -10.70 -2.08
N VAL B 103 14.49 -11.79 -1.97
CA VAL B 103 13.73 -12.08 -0.80
C VAL B 103 14.14 -13.48 -0.26
N LEU B 104 14.30 -13.65 1.06
CA LEU B 104 14.47 -14.96 1.67
C LEU B 104 13.41 -15.09 2.65
N VAL B 105 12.78 -16.26 2.69
CA VAL B 105 11.82 -16.60 3.72
C VAL B 105 12.46 -17.64 4.59
N PHE B 106 12.34 -17.50 5.91
CA PHE B 106 13.09 -18.37 6.79
C PHE B 106 12.32 -18.64 8.03
N ASP B 107 12.70 -19.68 8.75
CA ASP B 107 12.07 -19.94 10.02
C ASP B 107 13.04 -19.89 11.19
N GLU B 108 12.59 -20.33 12.35
CA GLU B 108 13.42 -20.16 13.55
C GLU B 108 14.67 -21.03 13.57
N THR B 109 14.85 -21.94 12.59
CA THR B 109 16.11 -22.72 12.50
C THR B 109 17.14 -21.99 11.64
N ALA B 110 16.83 -20.83 11.08
CA ALA B 110 17.84 -20.20 10.23
C ALA B 110 18.54 -19.11 11.05
N PRO B 111 19.90 -19.13 11.11
CA PRO B 111 20.50 -18.14 12.03
C PRO B 111 20.49 -16.72 11.43
N LEU B 112 19.96 -15.80 12.21
CA LEU B 112 19.67 -14.48 11.67
C LEU B 112 20.91 -13.82 11.11
N GLY B 113 22.03 -14.00 11.81
CA GLY B 113 23.32 -13.44 11.32
C GLY B 113 23.77 -14.01 10.00
N LYS B 114 23.50 -15.28 9.77
CA LYS B 114 23.77 -15.88 8.45
C LYS B 114 22.80 -15.37 7.41
N VAL B 115 21.50 -15.41 7.76
CA VAL B 115 20.48 -14.77 6.89
C VAL B 115 20.96 -13.44 6.34
N LYS B 116 21.33 -12.55 7.26
CA LYS B 116 21.72 -11.16 6.95
C LYS B 116 22.99 -11.14 6.16
N LEU B 117 24.01 -11.84 6.70
CA LEU B 117 25.29 -11.92 5.94
C LEU B 117 25.16 -12.56 4.53
N HIS B 118 24.49 -13.71 4.38
CA HIS B 118 24.45 -14.21 2.98
C HIS B 118 23.41 -13.55 2.05
N GLY B 119 22.31 -13.07 2.65
CA GLY B 119 21.30 -12.31 1.85
C GLY B 119 21.93 -11.12 1.22
N LYS B 120 22.68 -10.37 2.03
CA LYS B 120 23.40 -9.20 1.49
C LYS B 120 24.34 -9.58 0.39
N ALA B 121 25.11 -10.66 0.57
CA ALA B 121 26.04 -11.10 -0.54
C ALA B 121 25.26 -11.61 -1.75
N ALA B 122 24.19 -12.38 -1.49
CA ALA B 122 23.35 -12.87 -2.60
C ALA B 122 22.88 -11.71 -3.44
N ALA B 123 22.41 -10.64 -2.78
CA ALA B 123 21.89 -9.47 -3.51
C ALA B 123 22.87 -8.75 -4.40
N ALA B 124 24.08 -8.55 -3.87
CA ALA B 124 25.17 -7.99 -4.68
C ALA B 124 25.52 -8.93 -5.84
N ALA B 125 25.59 -10.23 -5.55
CA ALA B 125 25.85 -11.21 -6.65
C ALA B 125 24.72 -11.15 -7.66
N LEU B 126 23.48 -11.07 -7.18
CA LEU B 126 22.38 -11.04 -8.16
C LEU B 126 22.32 -9.74 -8.89
N ALA B 127 22.64 -8.63 -8.18
CA ALA B 127 22.74 -7.32 -8.87
C ALA B 127 23.69 -7.38 -10.09
N ALA B 128 24.80 -8.07 -9.87
CA ALA B 128 25.79 -8.22 -10.92
C ALA B 128 25.22 -9.05 -12.04
N ILE B 129 24.63 -10.20 -11.74
CA ILE B 129 23.96 -10.96 -12.82
C ILE B 129 22.89 -10.13 -13.55
N ALA B 130 21.99 -9.50 -12.82
CA ALA B 130 20.99 -8.60 -13.45
C ALA B 130 21.58 -7.56 -14.41
N GLU B 131 22.57 -6.79 -13.96
CA GLU B 131 23.12 -5.70 -14.79
C GLU B 131 23.82 -6.26 -16.04
N GLU B 132 24.63 -7.31 -15.85
CA GLU B 132 25.33 -7.90 -16.99
C GLU B 132 24.35 -8.59 -17.97
N ALA B 133 23.10 -8.83 -17.53
CA ALA B 133 22.02 -9.31 -18.41
C ALA B 133 21.43 -8.23 -19.35
N LEU B 134 22.02 -7.02 -19.32
CA LEU B 134 21.57 -5.86 -20.13
C LEU B 134 22.73 -5.22 -20.91
N SER C 2 -14.27 1.52 12.37
CA SER C 2 -14.10 3.01 12.47
C SER C 2 -13.59 3.44 13.85
N LEU C 3 -13.11 4.69 13.90
CA LEU C 3 -12.39 5.23 15.05
C LEU C 3 -12.47 6.73 14.87
N VAL C 4 -13.30 7.41 15.65
CA VAL C 4 -13.42 8.85 15.45
C VAL C 4 -12.97 9.52 16.72
N LEU C 5 -11.95 10.36 16.58
CA LEU C 5 -11.20 10.88 17.70
C LEU C 5 -11.50 12.36 17.93
N TYR C 6 -12.15 12.66 19.06
CA TYR C 6 -12.50 14.04 19.41
C TYR C 6 -12.57 14.12 20.93
N GLY C 7 -12.80 15.32 21.48
CA GLY C 7 -13.08 15.45 22.90
C GLY C 7 -11.88 15.20 23.78
N ALA C 8 -12.11 14.45 24.87
CA ALA C 8 -11.06 14.17 25.84
C ALA C 8 -10.00 13.19 25.25
N PRO C 9 -10.46 12.11 24.57
CA PRO C 9 -9.52 11.20 23.92
C PRO C 9 -8.64 11.90 22.89
N TYR C 10 -9.21 12.78 22.06
CA TYR C 10 -8.35 13.58 21.21
C TYR C 10 -7.23 14.33 22.00
N ALA C 11 -7.63 14.98 23.09
CA ALA C 11 -6.76 15.81 23.90
C ALA C 11 -5.66 14.90 24.54
N ALA C 12 -6.07 13.72 25.00
CA ALA C 12 -5.11 12.77 25.60
C ALA C 12 -4.14 12.21 24.50
N ALA C 13 -4.61 12.10 23.27
CA ALA C 13 -3.76 11.57 22.25
C ALA C 13 -2.70 12.58 21.96
N VAL C 14 -3.12 13.83 21.84
CA VAL C 14 -2.20 14.93 21.57
C VAL C 14 -1.18 15.07 22.68
N GLU C 15 -1.58 14.89 23.93
CA GLU C 15 -0.66 15.04 25.06
C GLU C 15 0.40 13.94 24.96
N VAL C 16 -0.02 12.71 24.65
CA VAL C 16 0.95 11.63 24.31
C VAL C 16 1.92 11.96 23.21
N LEU C 17 1.43 12.56 22.13
CA LEU C 17 2.28 12.84 21.02
C LEU C 17 3.32 13.88 21.46
N GLU C 18 2.89 14.89 22.25
CA GLU C 18 3.76 15.98 22.72
C GLU C 18 4.83 15.45 23.64
N GLU C 19 4.43 14.59 24.57
CA GLU C 19 5.35 14.01 25.54
C GLU C 19 6.38 13.12 24.78
N THR C 20 5.93 12.44 23.75
CA THR C 20 6.80 11.52 23.03
C THR C 20 7.84 12.30 22.29
N LEU C 21 7.43 13.42 21.73
CA LEU C 21 8.37 14.29 21.03
C LEU C 21 9.51 14.74 21.96
N ARG C 22 9.14 15.10 23.21
CA ARG C 22 10.12 15.63 24.17
C ARG C 22 11.03 14.48 24.60
N GLU C 23 10.47 13.38 25.10
CA GLU C 23 11.26 12.25 25.52
C GLU C 23 12.20 11.66 24.43
N THR C 24 11.85 11.79 23.14
CA THR C 24 12.62 11.11 22.11
C THR C 24 13.46 11.99 21.29
N GLY C 25 13.16 13.30 21.20
CA GLY C 25 13.86 14.18 20.21
C GLY C 25 13.43 14.01 18.76
N ALA C 26 12.38 13.26 18.54
CA ALA C 26 11.86 13.17 17.14
C ALA C 26 11.35 14.56 16.63
N ARG C 27 11.31 14.76 15.31
CA ARG C 27 10.68 15.90 14.67
C ARG C 27 9.13 15.89 14.68
N TYR C 28 8.52 14.78 14.21
CA TYR C 28 7.03 14.68 14.07
C TYR C 28 6.48 13.40 14.65
N ALA C 29 5.33 13.50 15.29
CA ALA C 29 4.65 12.35 15.86
C ALA C 29 3.24 12.38 15.31
N LEU C 30 2.76 11.24 14.80
CA LEU C 30 1.39 11.14 14.26
C LEU C 30 0.67 9.92 14.77
N LEU C 31 -0.63 10.06 15.03
CA LEU C 31 -1.47 8.87 15.19
C LEU C 31 -2.30 8.78 13.92
N ILE C 32 -2.14 7.68 13.19
CA ILE C 32 -2.85 7.51 11.94
C ILE C 32 -3.68 6.27 12.06
N ASP C 33 -4.84 6.23 11.41
CA ASP C 33 -5.52 4.92 11.36
C ASP C 33 -5.04 4.08 10.18
N ARG C 34 -5.36 2.78 10.19
CA ARG C 34 -4.90 1.79 9.21
CA ARG C 34 -4.83 1.82 9.23
C ARG C 34 -5.40 2.13 7.85
N LYS C 35 -6.51 2.85 7.81
CA LYS C 35 -7.05 3.40 6.57
C LYS C 35 -6.29 4.58 5.99
N GLY C 36 -5.30 5.09 6.70
CA GLY C 36 -4.52 6.20 6.15
C GLY C 36 -4.86 7.62 6.64
N PHE C 37 -5.85 7.77 7.51
CA PHE C 37 -6.26 9.09 7.97
C PHE C 37 -5.44 9.58 9.16
N VAL C 38 -4.99 10.85 9.08
CA VAL C 38 -4.25 11.47 10.20
C VAL C 38 -5.26 11.66 11.29
N LEU C 39 -5.15 11.01 12.43
CA LEU C 39 -6.09 11.27 13.50
C LEU C 39 -5.61 12.32 14.56
N ALA C 40 -4.31 12.41 14.81
CA ALA C 40 -3.72 13.51 15.64
C ALA C 40 -2.30 13.62 15.16
N HIS C 41 -1.79 14.82 15.11
CA HIS C 41 -0.39 15.03 14.84
C HIS C 41 0.21 16.19 15.69
N LYS C 42 1.51 16.10 16.03
CA LYS C 42 2.26 17.16 16.67
C LYS C 42 3.63 17.23 16.02
N GLU C 43 4.15 18.47 15.96
CA GLU C 43 5.48 18.80 15.42
C GLU C 43 6.35 19.43 16.52
N ALA C 44 7.60 19.01 16.59
CA ALA C 44 8.56 19.60 17.50
C ALA C 44 8.80 21.06 17.02
N LEU C 45 8.66 22.04 17.91
CA LEU C 45 8.70 23.46 17.46
C LEU C 45 10.07 23.88 16.95
N TRP C 46 11.14 23.19 17.39
CA TRP C 46 12.46 23.40 16.81
C TRP C 46 12.63 22.95 15.40
N ALA C 47 11.70 22.13 14.88
CA ALA C 47 12.02 21.39 13.64
C ALA C 47 11.49 22.14 12.46
N PRO C 48 12.07 21.92 11.29
CA PRO C 48 11.53 22.52 10.05
C PRO C 48 10.08 22.04 9.77
N LYS C 49 9.36 22.74 8.90
CA LYS C 49 8.07 22.28 8.42
C LYS C 49 8.11 20.80 7.93
N PRO C 50 7.16 19.96 8.38
CA PRO C 50 7.16 18.52 7.84
C PRO C 50 6.84 18.48 6.37
N PRO C 51 7.11 17.31 5.71
CA PRO C 51 6.60 17.10 4.39
C PRO C 51 5.07 16.90 4.50
N PRO C 52 4.33 16.90 3.35
CA PRO C 52 2.86 16.85 3.54
C PRO C 52 2.45 15.66 4.41
N LEU C 53 1.73 15.93 5.47
CA LEU C 53 1.52 14.84 6.40
C LEU C 53 0.53 13.79 5.92
N ASP C 54 -0.38 14.15 5.01
CA ASP C 54 -1.32 13.20 4.41
C ASP C 54 -0.59 12.25 3.43
N THR C 55 0.43 12.75 2.74
CA THR C 55 1.30 11.90 1.93
C THR C 55 1.99 10.92 2.88
N LEU C 56 2.57 11.45 3.96
CA LEU C 56 3.35 10.60 4.86
C LEU C 56 2.44 9.49 5.38
N ALA C 57 1.27 9.86 5.87
CA ALA C 57 0.39 8.93 6.49
C ALA C 57 -0.20 7.85 5.48
N THR C 58 -0.53 8.21 4.23
CA THR C 58 -1.03 7.20 3.30
C THR C 58 0.07 6.20 2.92
N LEU C 59 1.32 6.70 2.78
CA LEU C 59 2.44 5.84 2.50
C LEU C 59 2.74 4.89 3.64
N VAL C 60 2.76 5.43 4.86
CA VAL C 60 2.97 4.62 6.05
C VAL C 60 1.83 3.60 6.24
N ALA C 61 0.58 4.01 6.11
CA ALA C 61 -0.50 3.04 6.27
C ALA C 61 -0.42 1.90 5.19
N SER C 62 -0.04 2.20 3.95
CA SER C 62 0.01 1.18 2.95
C SER C 62 1.27 0.23 3.07
N ASN C 63 2.36 0.71 3.64
CA ASN C 63 3.50 -0.03 4.06
C ASN C 63 3.11 -1.00 5.10
N ALA C 64 2.45 -0.53 6.16
CA ALA C 64 1.90 -1.38 7.20
C ALA C 64 0.85 -2.37 6.68
N ALA C 65 -0.02 -1.94 5.78
CA ALA C 65 -0.98 -2.89 5.20
C ALA C 65 -0.25 -4.07 4.51
N ALA C 66 0.75 -3.76 3.68
CA ALA C 66 1.43 -4.74 2.87
C ALA C 66 2.29 -5.66 3.77
N THR C 67 2.91 -5.10 4.81
CA THR C 67 3.73 -5.94 5.66
C THR C 67 2.92 -6.83 6.57
N GLN C 68 1.80 -6.33 7.06
CA GLN C 68 0.85 -7.18 7.81
CA GLN C 68 0.85 -7.17 7.80
C GLN C 68 0.31 -8.34 6.92
N ALA C 69 0.02 -8.06 5.65
CA ALA C 69 -0.44 -9.09 4.71
C ALA C 69 0.66 -10.19 4.43
N LEU C 70 1.92 -9.75 4.23
CA LEU C 70 3.06 -10.62 4.20
C LEU C 70 3.14 -11.48 5.48
N ALA C 71 3.00 -10.89 6.64
CA ALA C 71 2.99 -11.70 7.85
C ALA C 71 1.94 -12.79 7.86
N LYS C 72 0.71 -12.39 7.57
CA LYS C 72 -0.41 -13.30 7.53
C LYS C 72 -0.19 -14.41 6.47
N LEU C 73 0.34 -14.04 5.30
CA LEU C 73 0.79 -14.99 4.27
C LEU C 73 1.70 -16.10 4.88
N LEU C 74 2.60 -15.71 5.76
CA LEU C 74 3.50 -16.61 6.43
C LEU C 74 2.97 -17.26 7.68
N GLY C 75 1.68 -17.17 7.99
CA GLY C 75 1.13 -17.72 9.23
C GLY C 75 1.34 -16.93 10.53
N GLU C 76 1.82 -15.70 10.45
CA GLU C 76 2.02 -14.88 11.67
C GLU C 76 0.95 -13.86 11.88
N ALA C 77 0.60 -13.62 13.14
CA ALA C 77 -0.35 -12.54 13.45
C ALA C 77 0.22 -11.17 12.99
N ARG C 78 1.54 -11.01 13.01
CA ARG C 78 2.18 -9.70 13.04
C ARG C 78 3.68 -9.86 12.91
N PHE C 79 4.34 -8.96 12.21
CA PHE C 79 5.75 -8.69 12.51
C PHE C 79 5.88 -7.63 13.66
N GLN C 80 7.10 -7.27 14.03
CA GLN C 80 7.34 -6.30 15.07
C GLN C 80 7.22 -4.86 14.56
N GLU C 81 7.33 -3.88 15.45
CA GLU C 81 7.55 -2.47 15.02
C GLU C 81 8.66 -2.33 13.98
N GLU C 82 8.50 -1.37 13.10
CA GLU C 82 9.43 -1.14 12.04
C GLU C 82 10.25 0.16 12.25
N VAL C 83 11.56 0.11 11.95
CA VAL C 83 12.38 1.28 11.92
C VAL C 83 12.93 1.38 10.56
N HIS C 84 12.54 2.40 9.83
CA HIS C 84 13.08 2.63 8.52
C HIS C 84 14.23 3.61 8.73
N GLN C 85 15.43 3.30 8.22
CA GLN C 85 16.60 4.11 8.50
C GLN C 85 17.31 4.59 7.28
N GLY C 86 17.27 5.89 7.02
CA GLY C 86 18.04 6.43 5.93
C GLY C 86 19.44 6.85 6.46
N GLU C 87 20.18 7.57 5.61
CA GLU C 87 21.44 8.18 6.01
C GLU C 87 21.27 9.23 7.15
N ARG C 88 20.22 10.08 7.09
CA ARG C 88 19.96 11.05 8.19
C ARG C 88 18.58 10.86 8.82
N MET C 89 17.56 10.78 7.95
CA MET C 89 16.15 10.66 8.37
C MET C 89 15.72 9.22 8.66
N GLY C 90 14.85 9.02 9.66
CA GLY C 90 14.19 7.72 9.84
C GLY C 90 12.74 7.79 10.28
N LEU C 91 12.10 6.61 10.45
CA LEU C 91 10.69 6.50 10.85
C LEU C 91 10.56 5.33 11.76
N TYR C 92 9.84 5.52 12.82
CA TYR C 92 9.52 4.47 13.75
C TYR C 92 8.02 4.33 13.61
N VAL C 93 7.54 3.09 13.37
CA VAL C 93 6.14 2.81 13.07
C VAL C 93 5.75 1.65 13.94
N ASP C 94 4.71 1.81 14.73
CA ASP C 94 4.30 0.74 15.61
C ASP C 94 2.78 0.75 15.70
N GLU C 95 2.20 -0.32 16.29
CA GLU C 95 0.76 -0.45 16.40
C GLU C 95 0.22 0.21 17.63
N ALA C 96 -0.89 0.92 17.43
CA ALA C 96 -1.59 1.57 18.52
C ALA C 96 -2.95 0.89 18.56
N GLY C 97 -2.94 -0.38 18.98
CA GLY C 97 -4.13 -1.19 18.94
C GLY C 97 -4.26 -1.67 17.49
N GLU C 98 -5.32 -2.41 17.26
CA GLU C 98 -5.70 -3.00 16.02
C GLU C 98 -6.09 -2.03 14.91
N HIS C 99 -6.61 -0.87 15.25
CA HIS C 99 -7.07 0.09 14.24
C HIS C 99 -6.18 1.30 13.90
N ALA C 100 -5.02 1.45 14.54
CA ALA C 100 -4.18 2.65 14.31
C ALA C 100 -2.64 2.36 14.41
N LEU C 101 -1.83 3.36 14.10
CA LEU C 101 -0.39 3.31 14.08
C LEU C 101 0.14 4.63 14.69
N LEU C 102 1.18 4.50 15.48
CA LEU C 102 2.00 5.58 15.88
C LEU C 102 3.08 5.71 14.84
N VAL C 103 3.43 6.94 14.44
CA VAL C 103 4.51 7.20 13.54
C VAL C 103 5.39 8.29 14.19
N LEU C 104 6.71 8.02 14.30
CA LEU C 104 7.69 9.02 14.70
C LEU C 104 8.64 9.27 13.58
N VAL C 105 8.82 10.54 13.23
CA VAL C 105 9.81 10.91 12.25
C VAL C 105 10.99 11.61 13.00
N PHE C 106 12.20 11.13 12.81
CA PHE C 106 13.35 11.57 13.59
C PHE C 106 14.52 11.79 12.67
N ASP C 107 15.48 12.56 13.12
CA ASP C 107 16.69 12.78 12.33
C ASP C 107 17.92 12.31 13.09
N GLU C 108 19.09 12.66 12.58
CA GLU C 108 20.37 12.27 13.21
C GLU C 108 20.53 12.72 14.68
N THR C 109 19.81 13.79 15.08
CA THR C 109 19.95 14.31 16.46
C THR C 109 19.25 13.46 17.48
N ALA C 110 18.35 12.58 17.02
CA ALA C 110 17.57 11.75 17.96
C ALA C 110 18.26 10.42 18.33
N PRO C 111 18.37 10.12 19.63
CA PRO C 111 18.96 8.79 20.04
C PRO C 111 17.98 7.62 19.86
N LEU C 112 18.37 6.69 18.99
CA LEU C 112 17.53 5.61 18.53
C LEU C 112 16.97 4.78 19.67
N GLY C 113 17.83 4.50 20.66
CA GLY C 113 17.37 3.81 21.86
C GLY C 113 16.13 4.46 22.39
N LYS C 114 16.14 5.78 22.53
CA LYS C 114 14.94 6.44 23.13
C LYS C 114 13.76 6.43 22.14
N VAL C 115 14.03 6.65 20.87
CA VAL C 115 12.95 6.53 19.89
C VAL C 115 12.18 5.23 20.07
N LYS C 116 12.91 4.10 20.12
CA LYS C 116 12.30 2.76 20.21
C LYS C 116 11.63 2.63 21.53
N LEU C 117 12.35 3.05 22.57
CA LEU C 117 11.86 2.85 23.92
C LEU C 117 10.61 3.62 24.29
N HIS C 118 10.58 4.89 23.95
CA HIS C 118 9.39 5.73 24.22
C HIS C 118 8.34 5.61 23.13
N GLY C 119 8.78 5.36 21.91
CA GLY C 119 7.90 4.97 20.83
C GLY C 119 7.01 3.82 21.21
N LYS C 120 7.57 2.79 21.87
CA LYS C 120 6.81 1.61 22.25
C LYS C 120 5.79 1.92 23.33
N ALA C 121 6.20 2.66 24.37
CA ALA C 121 5.26 3.13 25.39
C ALA C 121 4.15 4.09 24.86
N ALA C 122 4.51 4.94 23.89
CA ALA C 122 3.58 5.85 23.27
C ALA C 122 2.56 5.04 22.50
N ALA C 123 3.02 4.04 21.73
CA ALA C 123 2.10 3.06 21.08
C ALA C 123 1.15 2.43 22.07
N ALA C 124 1.66 1.92 23.15
CA ALA C 124 0.78 1.30 24.10
C ALA C 124 -0.24 2.34 24.74
N ALA C 125 0.19 3.59 24.94
CA ALA C 125 -0.72 4.56 25.60
C ALA C 125 -1.82 4.91 24.61
N LEU C 126 -1.46 5.00 23.31
CA LEU C 126 -2.43 5.36 22.29
C LEU C 126 -3.44 4.26 22.00
N ALA C 127 -3.05 3.00 22.17
CA ALA C 127 -3.97 1.84 22.00
C ALA C 127 -4.99 1.91 23.11
N ALA C 128 -4.51 2.20 24.31
CA ALA C 128 -5.39 2.44 25.44
C ALA C 128 -6.35 3.57 25.09
N ILE C 129 -5.88 4.69 24.57
CA ILE C 129 -6.78 5.76 24.20
C ILE C 129 -7.67 5.41 23.00
N ALA C 130 -7.13 4.74 21.98
CA ALA C 130 -7.98 4.34 20.88
C ALA C 130 -9.20 3.52 21.32
N GLU C 131 -9.08 2.70 22.36
CA GLU C 131 -10.21 1.87 22.76
C GLU C 131 -11.38 2.71 23.25
N GLU C 132 -11.05 3.81 23.92
CA GLU C 132 -12.09 4.65 24.53
C GLU C 132 -12.72 5.55 23.46
N ALA C 133 -12.32 5.35 22.20
CA ALA C 133 -12.92 6.08 21.12
C ALA C 133 -13.38 5.10 20.00
N LEU C 134 -14.00 4.00 20.40
CA LEU C 134 -14.41 2.97 19.45
C LEU C 134 -15.88 3.12 19.02
PB GDP D . -5.99 2.86 -15.21
O1B GDP D . -7.43 2.60 -14.97
O2B GDP D . -5.43 3.78 -14.15
O3B GDP D . -5.22 1.52 -15.22
O3A GDP D . -5.94 3.58 -16.62
PA GDP D . -5.45 5.11 -16.75
O1A GDP D . -6.34 5.95 -15.84
O2A GDP D . -3.95 5.07 -16.56
O5' GDP D . -5.73 5.22 -18.34
C5' GDP D . -5.30 4.18 -19.23
C4' GDP D . -5.29 4.74 -20.63
O4' GDP D . -6.66 4.93 -21.03
C3' GDP D . -4.58 6.09 -20.68
O3' GDP D . -3.93 6.20 -21.94
C2' GDP D . -5.71 7.07 -20.67
O2' GDP D . -5.38 8.25 -21.41
C1' GDP D . -6.77 6.29 -21.46
N9 GDP D . -8.13 6.82 -21.18
C8 GDP D . -8.65 7.06 -19.98
N7 GDP D . -9.94 7.48 -20.12
C5 GDP D . -10.23 7.52 -21.41
C6 GDP D . -11.41 7.92 -22.20
O6 GDP D . -12.47 8.29 -21.59
N1 GDP D . -11.30 7.79 -23.52
C2 GDP D . -10.21 7.33 -24.16
N2 GDP D . -10.24 7.26 -25.50
N3 GDP D . -9.08 6.97 -23.48
C4 GDP D . -9.05 7.07 -22.13
MG MG E . -4.05 3.67 -12.74
MG MG F . -20.53 -14.26 -12.48
AL ALF G . -3.86 0.58 -14.35
F1 ALF G . -2.67 0.92 -15.60
F2 ALF G . -5.04 0.23 -13.06
F3 ALF G . -3.38 1.96 -13.38
F4 ALF G . -4.32 -0.89 -15.26
MG MG H . 12.24 -25.34 -6.03
#